data_8G91
#
_entry.id   8G91
#
_cell.length_a   53.781
_cell.length_b   53.781
_cell.length_c   90.452
_cell.angle_alpha   90.000
_cell.angle_beta   90.000
_cell.angle_gamma   90.000
#
_symmetry.space_group_name_H-M   'P 43 21 2'
#
loop_
_entity.id
_entity.type
_entity.pdbx_description
1 polymer 'Isoform 2 of La-related protein 1'
2 polymer "RNA (5'-R(*AP*AP*AP*AP*AP*(SRA))-3')"
3 non-polymer GLYCEROL
4 water water
#
loop_
_entity_poly.entity_id
_entity_poly.type
_entity_poly.pdbx_seq_one_letter_code
_entity_poly.pdbx_strand_id
1 'polypeptide(L)'
;MGSSHHHHHHSQELLKDYIKRQIEYYFSVDNLERDFFLRRKMDADGFLPITLIASFHRVQALTTDISLIFAALKDSKVVE
IVDEKVRRREEPEKWPLPP
;
A
2 'polyribonucleotide' AAAAA(SRA) B
#
loop_
_chem_comp.id
_chem_comp.type
_chem_comp.name
_chem_comp.formula
A RNA linking ADENOSINE-5'-MONOPHOSPHATE 'C10 H14 N5 O7 P'
GOL non-polymer GLYCEROL 'C3 H8 O3'
SRA RNA linking 'ADENOSINE -5'-THIO-MONOPHOSPHATE' 'C10 H14 N5 O6 P S'
#
# COMPACT_ATOMS: atom_id res chain seq x y z
N SER A 11 4.00 8.31 21.05
CA SER A 11 4.88 9.23 20.32
C SER A 11 4.51 9.24 18.85
N GLN A 12 5.34 8.61 18.02
CA GLN A 12 5.01 8.39 16.62
C GLN A 12 4.03 7.25 16.41
N GLU A 13 3.50 6.69 17.50
CA GLU A 13 2.60 5.54 17.40
C GLU A 13 1.30 5.92 16.69
N LEU A 14 0.80 7.13 16.95
CA LEU A 14 -0.43 7.58 16.31
C LEU A 14 -0.20 7.83 14.82
N LEU A 15 0.92 8.46 14.48
CA LEU A 15 1.23 8.71 13.08
C LEU A 15 1.39 7.40 12.31
N LYS A 16 2.01 6.40 12.93
CA LYS A 16 2.15 5.09 12.30
C LYS A 16 0.79 4.43 12.09
N ASP A 17 -0.11 4.56 13.06
CA ASP A 17 -1.44 3.99 12.91
C ASP A 17 -2.18 4.63 11.75
N TYR A 18 -2.07 5.95 11.60
CA TYR A 18 -2.70 6.61 10.46
C TYR A 18 -2.11 6.14 9.15
N ILE A 19 -0.78 6.02 9.08
CA ILE A 19 -0.13 5.55 7.85
C ILE A 19 -0.63 4.16 7.49
N LYS A 20 -0.61 3.25 8.47
CA LYS A 20 -1.04 1.88 8.25
C LYS A 20 -2.47 1.83 7.74
N ARG A 21 -3.38 2.54 8.41
CA ARG A 21 -4.78 2.46 8.02
C ARG A 21 -5.01 3.06 6.64
N GLN A 22 -4.29 4.13 6.30
CA GLN A 22 -4.48 4.70 4.98
C GLN A 22 -4.05 3.72 3.90
N ILE A 23 -2.90 3.07 4.11
CA ILE A 23 -2.40 2.16 3.09
C ILE A 23 -3.26 0.90 3.03
N GLU A 24 -3.74 0.44 4.18
CA GLU A 24 -4.68 -0.67 4.19
C GLU A 24 -5.95 -0.34 3.41
N TYR A 25 -6.35 0.94 3.38
CA TYR A 25 -7.50 1.31 2.56
C TYR A 25 -7.17 1.21 1.07
N TYR A 26 -6.00 1.67 0.66
CA TYR A 26 -5.67 1.58 -0.77
C TYR A 26 -5.77 0.14 -1.23
N PHE A 27 -5.37 -0.80 -0.39
CA PHE A 27 -5.36 -2.21 -0.72
C PHE A 27 -6.63 -2.94 -0.29
N SER A 28 -7.69 -2.21 0.04
CA SER A 28 -8.98 -2.83 0.30
C SER A 28 -9.66 -3.19 -1.01
N VAL A 29 -10.51 -4.21 -0.95
CA VAL A 29 -11.25 -4.61 -2.14
C VAL A 29 -12.11 -3.47 -2.65
N ASP A 30 -12.75 -2.73 -1.74
CA ASP A 30 -13.61 -1.63 -2.15
C ASP A 30 -12.84 -0.62 -2.99
N ASN A 31 -11.65 -0.23 -2.53
CA ASN A 31 -10.87 0.71 -3.32
C ASN A 31 -10.36 0.05 -4.59
N LEU A 32 -9.84 -1.16 -4.47
CA LEU A 32 -9.19 -1.79 -5.63
C LEU A 32 -10.15 -1.98 -6.78
N GLU A 33 -11.41 -2.28 -6.50
CA GLU A 33 -12.36 -2.55 -7.59
CA GLU A 33 -12.36 -2.55 -7.58
C GLU A 33 -12.40 -1.41 -8.60
N ARG A 34 -12.21 -0.17 -8.14
CA ARG A 34 -12.24 0.99 -9.03
C ARG A 34 -10.89 1.65 -9.25
N ASP A 35 -9.83 1.21 -8.58
CA ASP A 35 -8.56 1.96 -8.60
C ASP A 35 -7.69 1.44 -9.75
N PHE A 36 -8.04 1.86 -10.96
CA PHE A 36 -7.34 1.39 -12.13
C PHE A 36 -5.90 1.88 -12.17
N PHE A 37 -5.62 3.09 -11.67
CA PHE A 37 -4.24 3.55 -11.65
C PHE A 37 -3.36 2.65 -10.81
N LEU A 38 -3.80 2.38 -9.58
CA LEU A 38 -3.01 1.52 -8.71
C LEU A 38 -2.80 0.16 -9.34
N ARG A 39 -3.85 -0.41 -9.95
CA ARG A 39 -3.75 -1.76 -10.46
C ARG A 39 -2.92 -1.84 -11.73
N ARG A 40 -2.95 -0.81 -12.58
CA ARG A 40 -2.11 -0.88 -13.77
C ARG A 40 -0.65 -0.63 -13.46
N LYS A 41 -0.34 -0.21 -12.24
CA LYS A 41 1.04 -0.10 -11.77
C LYS A 41 1.50 -1.35 -11.05
N MET A 42 0.64 -2.37 -10.88
CA MET A 42 1.12 -3.59 -10.26
C MET A 42 1.94 -4.44 -11.23
N ASP A 43 2.94 -5.10 -10.67
CA ASP A 43 3.57 -6.20 -11.39
C ASP A 43 2.66 -7.42 -11.39
N ALA A 44 3.10 -8.48 -12.07
CA ALA A 44 2.25 -9.65 -12.25
C ALA A 44 1.90 -10.33 -10.93
N ASP A 45 2.69 -10.12 -9.88
CA ASP A 45 2.43 -10.68 -8.57
C ASP A 45 1.56 -9.80 -7.69
N GLY A 46 1.12 -8.65 -8.19
CA GLY A 46 0.32 -7.72 -7.43
C GLY A 46 1.10 -6.68 -6.67
N PHE A 47 2.43 -6.65 -6.81
CA PHE A 47 3.24 -5.73 -6.02
C PHE A 47 3.33 -4.35 -6.64
N LEU A 48 3.46 -3.36 -5.77
CA LEU A 48 3.85 -2.01 -6.09
C LEU A 48 5.09 -1.68 -5.28
N PRO A 49 5.98 -0.84 -5.80
CA PRO A 49 7.06 -0.32 -4.95
C PRO A 49 6.45 0.54 -3.85
N ILE A 50 6.97 0.38 -2.63
CA ILE A 50 6.51 1.23 -1.55
C ILE A 50 6.73 2.70 -1.83
N THR A 51 7.76 3.04 -2.62
CA THR A 51 7.94 4.45 -2.93
C THR A 51 6.80 5.02 -3.77
N LEU A 52 6.15 4.19 -4.58
CA LEU A 52 4.97 4.68 -5.30
C LEU A 52 3.83 4.99 -4.34
N ILE A 53 3.54 4.06 -3.42
CA ILE A 53 2.51 4.30 -2.41
C ILE A 53 2.83 5.53 -1.59
N ALA A 54 4.11 5.72 -1.27
CA ALA A 54 4.51 6.87 -0.45
C ALA A 54 4.22 8.20 -1.15
N SER A 55 4.13 8.21 -2.47
CA SER A 55 3.85 9.43 -3.20
C SER A 55 2.37 9.77 -3.20
N PHE A 56 1.49 8.86 -2.80
CA PHE A 56 0.06 9.18 -2.79
C PHE A 56 -0.20 10.27 -1.75
N HIS A 57 -1.11 11.18 -2.09
CA HIS A 57 -1.19 12.44 -1.34
C HIS A 57 -1.55 12.23 0.13
N ARG A 58 -2.40 11.25 0.45
CA ARG A 58 -2.74 11.06 1.85
C ARG A 58 -1.56 10.50 2.66
N VAL A 59 -0.64 9.80 2.01
CA VAL A 59 0.56 9.38 2.72
C VAL A 59 1.49 10.58 2.91
N GLN A 60 1.63 11.39 1.87
CA GLN A 60 2.43 12.61 1.95
C GLN A 60 1.88 13.56 3.02
N ALA A 61 0.56 13.51 3.25
CA ALA A 61 -0.07 14.30 4.30
C ALA A 61 0.28 13.82 5.69
N LEU A 62 1.02 12.72 5.80
CA LEU A 62 1.47 12.18 7.08
C LEU A 62 2.98 12.19 7.24
N THR A 63 3.71 11.73 6.23
CA THR A 63 5.15 11.61 6.35
C THR A 63 5.78 11.56 4.96
N THR A 64 7.05 11.93 4.90
CA THR A 64 7.90 11.63 3.76
C THR A 64 9.02 10.67 4.12
N ASP A 65 8.97 10.09 5.31
CA ASP A 65 10.03 9.21 5.83
C ASP A 65 9.68 7.78 5.43
N ILE A 66 10.38 7.27 4.42
CA ILE A 66 10.09 5.92 3.90
C ILE A 66 10.26 4.87 4.99
N SER A 67 11.30 5.02 5.83
CA SER A 67 11.52 4.01 6.86
C SER A 67 10.37 3.95 7.85
N LEU A 68 9.73 5.10 8.12
CA LEU A 68 8.56 5.10 9.00
C LEU A 68 7.38 4.37 8.36
N ILE A 69 7.22 4.51 7.04
CA ILE A 69 6.15 3.80 6.35
C ILE A 69 6.35 2.29 6.47
N PHE A 70 7.58 1.82 6.22
CA PHE A 70 7.88 0.41 6.43
C PHE A 70 7.58 -0.01 7.85
N ALA A 71 7.99 0.79 8.84
CA ALA A 71 7.70 0.45 10.23
C ALA A 71 6.21 0.39 10.49
N ALA A 72 5.45 1.32 9.91
CA ALA A 72 4.00 1.34 10.13
C ALA A 72 3.33 0.10 9.58
N LEU A 73 3.86 -0.46 8.50
CA LEU A 73 3.21 -1.57 7.81
C LEU A 73 3.73 -2.93 8.26
N LYS A 74 4.76 -2.95 9.11
CA LYS A 74 5.44 -4.19 9.44
C LYS A 74 4.49 -5.26 9.94
N ASP A 75 3.50 -4.89 10.74
CA ASP A 75 2.61 -5.85 11.36
C ASP A 75 1.23 -5.91 10.71
N SER A 76 1.09 -5.37 9.50
CA SER A 76 -0.22 -5.37 8.86
C SER A 76 -0.65 -6.77 8.45
N LYS A 77 -1.91 -7.10 8.74
CA LYS A 77 -2.53 -8.33 8.25
C LYS A 77 -3.14 -8.15 6.87
N VAL A 78 -3.38 -6.91 6.43
CA VAL A 78 -4.04 -6.64 5.17
C VAL A 78 -3.05 -6.60 4.03
N VAL A 79 -1.90 -5.99 4.24
CA VAL A 79 -0.90 -5.85 3.20
C VAL A 79 0.32 -6.64 3.59
N GLU A 80 0.99 -7.15 2.56
CA GLU A 80 2.21 -7.92 2.68
C GLU A 80 3.37 -7.08 2.16
N ILE A 81 4.41 -6.93 2.97
CA ILE A 81 5.65 -6.30 2.57
C ILE A 81 6.63 -7.39 2.18
N VAL A 82 7.22 -7.25 0.99
CA VAL A 82 8.29 -8.15 0.55
C VAL A 82 9.39 -7.25 0.03
N ASP A 83 10.53 -7.24 0.73
CA ASP A 83 11.63 -6.36 0.34
C ASP A 83 11.13 -4.92 0.21
N GLU A 84 11.25 -4.31 -0.98
CA GLU A 84 10.86 -2.92 -1.16
C GLU A 84 9.44 -2.76 -1.69
N LYS A 85 8.64 -3.82 -1.68
CA LYS A 85 7.37 -3.87 -2.38
C LYS A 85 6.24 -4.19 -1.41
N VAL A 86 5.02 -3.84 -1.83
CA VAL A 86 3.84 -4.12 -1.04
C VAL A 86 2.72 -4.61 -1.95
N ARG A 87 1.88 -5.49 -1.42
CA ARG A 87 0.70 -5.96 -2.14
C ARG A 87 -0.36 -6.32 -1.14
N ARG A 88 -1.59 -6.50 -1.62
CA ARG A 88 -2.63 -7.05 -0.78
C ARG A 88 -2.29 -8.50 -0.44
N ARG A 89 -2.41 -8.85 0.84
CA ARG A 89 -2.03 -10.20 1.26
C ARG A 89 -2.97 -11.25 0.68
N GLU A 90 -4.27 -11.00 0.71
CA GLU A 90 -5.25 -11.96 0.21
C GLU A 90 -5.37 -11.84 -1.30
N GLU A 91 -5.17 -12.96 -2.00
CA GLU A 91 -5.34 -13.07 -3.45
C GLU A 91 -4.81 -11.85 -4.22
N PRO A 92 -3.53 -11.49 -4.04
CA PRO A 92 -3.02 -10.31 -4.75
C PRO A 92 -3.14 -10.42 -6.26
N GLU A 93 -3.10 -11.64 -6.80
CA GLU A 93 -3.13 -11.87 -8.24
C GLU A 93 -4.48 -11.55 -8.87
N LYS A 94 -5.53 -11.33 -8.07
CA LYS A 94 -6.80 -10.90 -8.62
C LYS A 94 -6.73 -9.51 -9.23
N TRP A 95 -5.77 -8.69 -8.80
CA TRP A 95 -5.85 -7.24 -8.96
C TRP A 95 -5.04 -6.58 -10.08
N PRO A 96 -3.92 -7.12 -10.56
CA PRO A 96 -3.18 -6.40 -11.61
C PRO A 96 -4.03 -6.16 -12.84
N LEU A 97 -3.80 -5.04 -13.49
CA LEU A 97 -4.36 -4.71 -14.78
C LEU A 97 -3.24 -4.51 -15.79
N PRO A 98 -3.52 -4.68 -17.08
CA PRO A 98 -2.50 -4.43 -18.09
C PRO A 98 -2.00 -2.99 -18.01
N PRO A 99 -0.73 -2.77 -18.35
CA PRO A 99 -0.10 -1.47 -18.12
C PRO A 99 -0.59 -0.37 -19.07
P SRA B 6 -5.19 9.96 -1.90
OP1 SRA B 6 -3.84 9.46 -1.18
S2P SRA B 6 -5.50 11.84 -1.98
O5' SRA B 6 -5.21 9.38 -3.44
C5' SRA B 6 -4.87 8.03 -3.71
C4' SRA B 6 -5.23 7.80 -5.15
O4' SRA B 6 -4.50 8.54 -5.94
C3' SRA B 6 -4.91 6.24 -5.57
O3' SRA B 6 -6.23 5.56 -5.56
C2' SRA B 6 -4.36 6.28 -6.70
C1' SRA B 6 -4.35 7.81 -7.23
N9 SRA B 6 -3.17 8.18 -7.75
C8 SRA B 6 -1.96 8.29 -7.18
N7 SRA B 6 -1.08 8.71 -8.09
C5 SRA B 6 -1.73 8.88 -9.24
C6 SRA B 6 -1.29 9.31 -10.48
N6 SRA B 6 0.03 9.70 -10.93
N1 SRA B 6 -2.15 9.39 -11.49
C2 SRA B 6 -3.45 9.07 -11.29
N3 SRA B 6 -3.89 8.66 -10.07
C4 SRA B 6 -3.03 8.56 -9.04
O2' SRA B 6 -5.08 5.42 -7.70
C1 GOL C . 5.64 -10.40 5.74
O1 GOL C . 4.37 -10.94 5.96
C2 GOL C . 5.55 -8.86 5.98
O2 GOL C . 4.33 -8.32 5.56
C3 GOL C . 5.81 -8.67 7.49
O3 GOL C . 6.36 -7.41 7.66
#